data_4OWR
#
_entry.id   4OWR
#
_cell.length_a   141.372
_cell.length_b   141.372
_cell.length_c   78.462
_cell.angle_alpha   90.00
_cell.angle_beta   90.00
_cell.angle_gamma   90.00
#
_symmetry.space_group_name_H-M   'P 4 21 2'
#
loop_
_entity.id
_entity.type
_entity.pdbx_description
1 polymer 'mRNA export factor'
2 polymer 'Nuclear pore complex protein Nup98-Nup96'
3 polymer 'Matrix protein'
#
loop_
_entity_poly.entity_id
_entity_poly.type
_entity_poly.pdbx_seq_one_letter_code
_entity_poly.pdbx_strand_id
1 'polypeptide(L)'
;MDIEVTSSPDDSIGCLSFSPPTLPGNFLIAGSWANDVRCWEVQDSGQTIPKAQQMHTGPVLDVCWSDDGSKVFTASCDKT
AKMWDLSSNQAIQIAQHDAPVKTIHWIKAPNYSCVMTGSWDKTLKFWDTRSSNPMMVLQLPERCYCADVIYPMAVVATAE
RGLIVYQLENQPSEFRRIESPLKHQHRCVAIFKDKQNKPTGFALGSIEGRVAIHYINPPNPAKDNFTFKCHRSNGTNTSA
PQDIYAVNGIAFHPVHGTLATVGSDGRFSFWDKDARTKLKTSEQLDQPISACCFNHNGNIFAYASSYDWSKGHEFYNPQK
KNYIFLRNAAEELKPRNKK
;
A
2 'polypeptide(L)' GSPTGTTIKFNPPTGTDTMVKAGVSTNISTKHQCITAMKEYESKSLEELRLEDYQANRK B
3 'polypeptide(L)'
;GSSYFGVDEMDTHDPNQLRYEKFFFTVKMTVRSNRPFRTYSDVAAAVSHWDHMYIGMAGKRPFYKILAFLGSSNLKATPG
GSGDQGQPEYHAHCEGRAYLPHRMGKTPPMLNVPEHFRRPFNIGLYKGTIELTMTIYDDESLEAAPMIWDHFNSSKFSDF
REKALMFGLIVEKKASGAWVLDSVSHFK
;
C
#
# COMPACT_ATOMS: atom_id res chain seq x y z
N ASP A 2 -27.06 14.98 -11.05
CA ASP A 2 -27.08 13.93 -10.00
C ASP A 2 -27.49 14.53 -8.64
N ILE A 3 -28.26 13.77 -7.85
CA ILE A 3 -29.01 14.35 -6.73
C ILE A 3 -28.22 14.68 -5.45
N GLU A 4 -28.41 15.90 -4.97
CA GLU A 4 -27.69 16.44 -3.81
C GLU A 4 -28.23 15.91 -2.49
N VAL A 5 -27.73 16.47 -1.39
CA VAL A 5 -28.16 16.11 -0.05
C VAL A 5 -28.45 17.41 0.70
N THR A 6 -29.60 17.43 1.40
CA THR A 6 -30.03 18.60 2.18
C THR A 6 -29.06 18.88 3.33
N SER A 7 -28.67 20.15 3.45
CA SER A 7 -27.89 20.64 4.59
C SER A 7 -26.54 19.94 4.76
N SER A 8 -25.76 19.87 3.68
CA SER A 8 -24.45 19.21 3.73
C SER A 8 -23.42 20.04 4.53
N PRO A 9 -22.27 19.42 4.91
CA PRO A 9 -21.36 20.02 5.90
C PRO A 9 -20.71 21.34 5.50
N ASP A 10 -20.30 22.12 6.50
CA ASP A 10 -19.63 23.40 6.29
C ASP A 10 -18.24 23.23 5.65
N ASP A 11 -17.44 22.32 6.18
CA ASP A 11 -16.10 22.06 5.65
C ASP A 11 -15.98 20.67 5.02
N SER A 12 -14.81 20.39 4.43
CA SER A 12 -14.53 19.16 3.68
C SER A 12 -14.91 17.86 4.36
N ILE A 13 -15.34 16.89 3.55
CA ILE A 13 -15.83 15.60 4.05
C ILE A 13 -14.76 14.52 3.95
N GLY A 14 -14.46 13.91 5.09
CA GLY A 14 -13.45 12.86 5.19
C GLY A 14 -13.96 11.44 4.99
N CYS A 15 -15.17 11.17 5.47
CA CYS A 15 -15.71 9.81 5.46
C CYS A 15 -17.22 9.74 5.21
N LEU A 16 -17.67 8.58 4.74
CA LEU A 16 -19.09 8.28 4.55
C LEU A 16 -19.37 6.85 4.99
N SER A 17 -20.55 6.62 5.57
CA SER A 17 -20.94 5.26 5.97
C SER A 17 -22.45 5.07 6.05
N PHE A 18 -22.97 4.16 5.23
CA PHE A 18 -24.38 3.79 5.28
C PHE A 18 -24.64 2.77 6.40
N SER A 19 -25.88 2.70 6.85
CA SER A 19 -26.25 1.80 7.96
C SER A 19 -26.32 0.34 7.52
N PRO A 20 -26.16 -0.60 8.48
CA PRO A 20 -26.26 -2.03 8.26
C PRO A 20 -27.69 -2.49 7.90
N PRO A 21 -27.83 -3.71 7.34
CA PRO A 21 -29.16 -4.20 6.94
C PRO A 21 -30.09 -4.46 8.13
N THR A 22 -29.55 -4.63 9.33
CA THR A 22 -30.39 -4.83 10.51
C THR A 22 -31.21 -3.60 10.88
N LEU A 23 -31.01 -2.50 10.13
CA LEU A 23 -31.83 -1.29 10.29
C LEU A 23 -32.81 -1.12 9.13
N PRO A 24 -34.10 -0.88 9.44
CA PRO A 24 -35.10 -0.57 8.41
C PRO A 24 -34.74 0.71 7.68
N GLY A 25 -34.89 0.71 6.35
CA GLY A 25 -34.58 1.87 5.53
C GLY A 25 -33.09 2.15 5.45
N ASN A 26 -32.73 3.36 5.03
CA ASN A 26 -31.32 3.74 4.86
C ASN A 26 -30.92 4.95 5.67
N PHE A 27 -29.71 4.93 6.21
CA PHE A 27 -29.20 6.03 7.02
C PHE A 27 -27.75 6.33 6.67
N LEU A 28 -27.47 7.57 6.31
CA LEU A 28 -26.13 7.97 5.93
C LEU A 28 -25.41 8.71 7.04
N ILE A 29 -24.10 8.49 7.16
CA ILE A 29 -23.24 9.21 8.11
C ILE A 29 -22.09 9.90 7.37
N ALA A 30 -21.78 11.14 7.77
CA ALA A 30 -20.66 11.89 7.19
C ALA A 30 -19.89 12.68 8.25
N GLY A 31 -18.56 12.57 8.19
CA GLY A 31 -17.65 13.31 9.08
C GLY A 31 -16.90 14.38 8.31
N SER A 32 -16.66 15.52 8.97
CA SER A 32 -16.05 16.67 8.29
C SER A 32 -14.89 17.31 9.07
N TRP A 33 -14.17 18.19 8.38
CA TRP A 33 -13.07 18.94 8.99
C TRP A 33 -13.57 20.16 9.72
N ALA A 34 -14.89 20.25 9.85
CA ALA A 34 -15.52 21.20 10.74
C ALA A 34 -15.76 20.54 12.11
N ASN A 35 -15.16 19.38 12.34
CA ASN A 35 -15.22 18.68 13.63
C ASN A 35 -16.51 17.90 13.94
N ASP A 36 -17.50 18.00 13.05
CA ASP A 36 -18.82 17.45 13.34
C ASP A 36 -19.15 16.17 12.54
N VAL A 37 -20.11 15.39 13.04
CA VAL A 37 -20.71 14.27 12.29
C VAL A 37 -22.21 14.45 12.12
N ARG A 38 -22.70 14.21 10.91
CA ARG A 38 -24.12 14.37 10.61
C ARG A 38 -24.79 13.06 10.21
N CYS A 39 -26.07 12.95 10.53
CA CYS A 39 -26.86 11.77 10.18
C CYS A 39 -28.13 12.10 9.40
N TRP A 40 -28.26 11.52 8.20
CA TRP A 40 -29.47 11.65 7.40
C TRP A 40 -30.22 10.33 7.26
N GLU A 41 -31.52 10.41 6.97
CA GLU A 41 -32.28 9.27 6.48
C GLU A 41 -32.50 9.46 5.00
N VAL A 42 -31.98 8.53 4.19
CA VAL A 42 -32.18 8.59 2.74
C VAL A 42 -33.44 7.82 2.36
N GLN A 43 -34.37 8.52 1.73
CA GLN A 43 -35.63 7.95 1.29
C GLN A 43 -35.52 7.49 -0.17
N ASP A 44 -36.34 6.51 -0.53
CA ASP A 44 -36.37 5.97 -1.90
C ASP A 44 -36.58 7.12 -2.86
N SER A 45 -37.53 7.98 -2.52
CA SER A 45 -37.84 9.19 -3.28
C SER A 45 -36.58 9.95 -3.72
N GLY A 46 -35.52 9.85 -2.94
CA GLY A 46 -34.28 10.58 -3.19
C GLY A 46 -34.08 11.72 -2.20
N GLN A 47 -35.18 12.12 -1.58
CA GLN A 47 -35.19 13.15 -0.54
C GLN A 47 -34.43 12.63 0.67
N THR A 48 -33.85 13.56 1.44
CA THR A 48 -33.08 13.21 2.63
C THR A 48 -33.48 14.05 3.84
N ILE A 49 -33.76 13.37 4.95
CA ILE A 49 -34.17 14.05 6.17
C ILE A 49 -33.01 14.10 7.18
N PRO A 50 -32.50 15.33 7.42
CA PRO A 50 -31.53 15.57 8.49
C PRO A 50 -32.05 15.09 9.83
N LYS A 51 -31.36 14.11 10.41
CA LYS A 51 -31.82 13.48 11.63
C LYS A 51 -31.11 13.99 12.88
N ALA A 52 -29.78 13.83 12.94
CA ALA A 52 -29.02 14.16 14.17
C ALA A 52 -27.58 14.57 13.92
N GLN A 53 -26.90 15.00 14.98
CA GLN A 53 -25.54 15.54 14.88
C GLN A 53 -24.70 15.35 16.15
N GLN A 54 -23.39 15.21 15.97
CA GLN A 54 -22.46 15.18 17.11
C GLN A 54 -21.15 15.95 16.89
N MET A 55 -20.46 16.24 17.99
CA MET A 55 -19.28 17.10 17.98
C MET A 55 -17.99 16.44 18.49
N HIS A 56 -16.91 16.61 17.74
CA HIS A 56 -15.57 16.35 18.24
C HIS A 56 -14.86 17.69 18.45
N THR A 57 -13.76 17.70 19.19
CA THR A 57 -13.01 18.93 19.37
C THR A 57 -11.93 19.10 18.29
N GLY A 58 -11.99 18.26 17.26
CA GLY A 58 -11.12 18.37 16.09
C GLY A 58 -11.71 17.60 14.93
N PRO A 59 -11.10 17.70 13.73
CA PRO A 59 -11.63 17.04 12.54
C PRO A 59 -11.89 15.55 12.71
N VAL A 60 -12.96 15.08 12.09
CA VAL A 60 -13.36 13.67 12.13
C VAL A 60 -12.84 12.97 10.86
N LEU A 61 -12.11 11.87 11.06
CA LEU A 61 -11.43 11.17 9.96
C LEU A 61 -12.11 9.88 9.47
N ASP A 62 -12.87 9.22 10.35
CA ASP A 62 -13.62 7.99 9.96
C ASP A 62 -14.87 7.74 10.81
N VAL A 63 -15.89 7.16 10.18
CA VAL A 63 -17.13 6.74 10.85
C VAL A 63 -17.54 5.35 10.41
N CYS A 64 -18.31 4.68 11.26
CA CYS A 64 -18.82 3.35 10.97
C CYS A 64 -19.91 2.96 11.97
N TRP A 65 -20.70 1.95 11.59
CA TRP A 65 -21.87 1.53 12.34
C TRP A 65 -21.62 0.27 13.12
N SER A 66 -22.43 0.04 14.16
CA SER A 66 -22.47 -1.25 14.84
C SER A 66 -23.29 -2.23 13.98
N ASP A 67 -23.11 -3.53 14.23
CA ASP A 67 -23.76 -4.58 13.44
C ASP A 67 -25.28 -4.53 13.55
N ASP A 68 -25.78 -4.13 14.72
CA ASP A 68 -27.19 -4.14 15.05
C ASP A 68 -27.89 -2.80 14.81
N GLY A 69 -27.15 -1.83 14.28
CA GLY A 69 -27.74 -0.54 13.89
C GLY A 69 -27.87 0.56 14.93
N SER A 70 -27.77 0.21 16.21
CA SER A 70 -28.04 1.19 17.28
C SER A 70 -26.92 2.22 17.53
N LYS A 71 -25.74 1.98 16.95
CA LYS A 71 -24.57 2.82 17.26
C LYS A 71 -23.77 3.29 16.04
N VAL A 72 -23.23 4.50 16.16
CA VAL A 72 -22.27 5.07 15.21
C VAL A 72 -20.97 5.31 15.96
N PHE A 73 -19.86 4.84 15.40
CA PHE A 73 -18.54 5.02 16.02
C PHE A 73 -17.74 6.03 15.22
N THR A 74 -17.15 7.00 15.93
CA THR A 74 -16.53 8.17 15.30
C THR A 74 -15.05 8.27 15.63
N ALA A 75 -14.23 8.51 14.61
CA ALA A 75 -12.79 8.67 14.81
C ALA A 75 -12.31 10.08 14.46
N SER A 76 -11.54 10.69 15.37
CA SER A 76 -11.17 12.10 15.22
C SER A 76 -9.69 12.40 15.45
N CYS A 77 -9.31 13.60 15.03
CA CYS A 77 -7.98 14.14 15.28
C CYS A 77 -7.78 14.48 16.74
N ASP A 78 -8.87 14.71 17.46
CA ASP A 78 -8.80 15.08 18.86
C ASP A 78 -8.24 13.96 19.72
N LYS A 79 -7.82 12.88 19.05
CA LYS A 79 -7.16 11.72 19.66
C LYS A 79 -8.13 10.75 20.34
N THR A 80 -9.42 10.94 20.11
CA THR A 80 -10.43 10.05 20.67
C THR A 80 -11.36 9.45 19.62
N ALA A 81 -12.03 8.37 20.03
CA ALA A 81 -13.15 7.82 19.29
C ALA A 81 -14.36 7.79 20.22
N LYS A 82 -15.51 8.22 19.70
CA LYS A 82 -16.75 8.24 20.48
C LYS A 82 -17.71 7.17 19.99
N MET A 83 -18.54 6.68 20.91
CA MET A 83 -19.68 5.84 20.54
C MET A 83 -20.98 6.61 20.70
N TRP A 84 -21.78 6.58 19.64
CA TRP A 84 -22.95 7.44 19.54
C TRP A 84 -24.23 6.61 19.53
N ASP A 85 -24.99 6.70 20.61
CA ASP A 85 -26.29 6.05 20.67
C ASP A 85 -27.32 6.94 20.00
N LEU A 86 -27.76 6.56 18.80
CA LEU A 86 -28.65 7.38 17.99
C LEU A 86 -30.04 7.64 18.58
N SER A 87 -30.59 6.67 19.30
CA SER A 87 -31.94 6.82 19.84
C SER A 87 -32.02 7.96 20.85
N SER A 88 -31.10 7.97 21.82
CA SER A 88 -31.08 9.03 22.82
C SER A 88 -30.20 10.23 22.43
N ASN A 89 -29.63 10.19 21.23
CA ASN A 89 -28.66 11.21 20.76
C ASN A 89 -27.56 11.52 21.78
N GLN A 90 -27.21 10.52 22.60
CA GLN A 90 -26.13 10.64 23.57
C GLN A 90 -24.88 9.93 23.06
N ALA A 91 -23.74 10.62 23.12
CA ALA A 91 -22.44 10.01 22.76
C ALA A 91 -21.46 9.96 23.95
N ILE A 92 -20.61 8.93 23.98
CA ILE A 92 -19.56 8.80 25.01
C ILE A 92 -18.22 8.33 24.43
N GLN A 93 -17.14 8.58 25.17
CA GLN A 93 -15.80 8.24 24.72
C GLN A 93 -15.53 6.77 24.99
N ILE A 94 -14.96 6.09 24.00
CA ILE A 94 -14.68 4.66 24.13
C ILE A 94 -13.22 4.30 23.88
N ALA A 95 -12.50 5.21 23.22
CA ALA A 95 -11.11 4.98 22.82
C ALA A 95 -10.27 6.23 23.04
N GLN A 96 -8.95 6.03 23.18
CA GLN A 96 -7.98 7.12 23.23
C GLN A 96 -6.70 6.63 22.58
N HIS A 97 -6.03 7.51 21.85
CA HIS A 97 -4.68 7.27 21.36
C HIS A 97 -3.77 8.43 21.73
N ASP A 98 -2.48 8.30 21.39
CA ASP A 98 -1.49 9.36 21.59
C ASP A 98 -1.34 10.27 20.37
N ALA A 99 -2.20 10.08 19.38
CA ALA A 99 -2.20 10.83 18.13
C ALA A 99 -3.57 10.64 17.51
N PRO A 100 -3.89 11.40 16.44
CA PRO A 100 -5.17 11.29 15.74
C PRO A 100 -5.52 9.86 15.31
N VAL A 101 -6.81 9.54 15.42
CA VAL A 101 -7.35 8.24 15.07
C VAL A 101 -7.80 8.28 13.61
N LYS A 102 -7.14 7.49 12.75
CA LYS A 102 -7.40 7.54 11.31
C LYS A 102 -8.50 6.60 10.84
N THR A 103 -8.53 5.39 11.40
CA THR A 103 -9.49 4.38 10.96
C THR A 103 -10.29 3.84 12.14
N ILE A 104 -11.57 3.59 11.91
CA ILE A 104 -12.44 2.94 12.90
C ILE A 104 -13.37 1.88 12.30
N HIS A 105 -13.38 0.70 12.92
CA HIS A 105 -14.14 -0.44 12.42
C HIS A 105 -14.84 -1.24 13.50
N TRP A 106 -15.94 -1.87 13.11
CA TRP A 106 -16.67 -2.77 13.99
C TRP A 106 -16.37 -4.23 13.68
N ILE A 107 -15.94 -4.98 14.70
CA ILE A 107 -15.67 -6.41 14.56
C ILE A 107 -16.71 -7.26 15.31
N LYS A 108 -17.49 -8.02 14.53
CA LYS A 108 -18.57 -8.86 15.05
C LYS A 108 -18.25 -10.33 14.83
N ALA A 109 -17.53 -10.92 15.80
CA ALA A 109 -17.08 -12.30 15.68
C ALA A 109 -17.83 -13.22 16.66
N PRO A 110 -18.36 -14.36 16.15
CA PRO A 110 -19.02 -15.36 17.01
C PRO A 110 -18.51 -15.38 18.44
N ASN A 111 -17.20 -15.41 18.59
CA ASN A 111 -16.52 -15.49 19.87
C ASN A 111 -16.65 -14.24 20.78
N TYR A 112 -16.76 -13.06 20.15
CA TYR A 112 -16.52 -11.76 20.81
C TYR A 112 -16.87 -10.59 19.87
N SER A 113 -17.09 -9.39 20.43
CA SER A 113 -17.34 -8.19 19.62
C SER A 113 -16.59 -6.98 20.15
N CYS A 114 -16.08 -6.15 19.24
CA CYS A 114 -15.25 -5.00 19.61
C CYS A 114 -15.07 -3.92 18.53
N VAL A 115 -14.50 -2.78 18.94
CA VAL A 115 -14.09 -1.71 18.04
C VAL A 115 -12.58 -1.79 17.82
N MET A 116 -12.16 -1.67 16.57
CA MET A 116 -10.74 -1.57 16.25
C MET A 116 -10.40 -0.19 15.74
N THR A 117 -9.59 0.54 16.51
CA THR A 117 -9.09 1.85 16.11
C THR A 117 -7.71 1.76 15.52
N GLY A 118 -7.46 2.53 14.47
CA GLY A 118 -6.14 2.60 13.83
C GLY A 118 -5.62 4.02 13.81
N SER A 119 -4.47 4.25 14.44
CA SER A 119 -3.99 5.60 14.67
C SER A 119 -2.58 5.88 14.17
N TRP A 120 -2.31 7.18 14.01
CA TRP A 120 -0.99 7.69 13.66
C TRP A 120 0.03 7.58 14.79
N ASP A 121 -0.43 7.10 15.96
CA ASP A 121 0.49 6.78 17.06
C ASP A 121 1.04 5.36 16.89
N LYS A 122 1.00 4.87 15.65
CA LYS A 122 1.63 3.60 15.23
C LYS A 122 1.07 2.34 15.93
N THR A 123 -0.19 2.40 16.38
CA THR A 123 -0.85 1.25 17.00
C THR A 123 -2.28 0.97 16.50
N LEU A 124 -2.71 -0.26 16.72
CA LEU A 124 -4.05 -0.73 16.50
C LEU A 124 -4.61 -1.07 17.90
N LYS A 125 -5.79 -0.59 18.22
CA LYS A 125 -6.34 -0.85 19.54
C LYS A 125 -7.75 -1.42 19.49
N PHE A 126 -8.06 -2.24 20.48
CA PHE A 126 -9.32 -2.96 20.51
C PHE A 126 -10.11 -2.66 21.79
N TRP A 127 -11.37 -2.29 21.63
CA TRP A 127 -12.18 -1.76 22.71
C TRP A 127 -13.54 -2.43 22.77
N ASP A 128 -14.02 -2.75 23.98
CA ASP A 128 -15.33 -3.38 24.15
C ASP A 128 -16.50 -2.39 24.25
N THR A 129 -16.18 -1.09 24.38
CA THR A 129 -17.15 0.02 24.43
C THR A 129 -17.78 0.28 25.79
N ARG A 130 -17.42 -0.52 26.79
CA ARG A 130 -17.83 -0.18 28.14
C ARG A 130 -16.65 0.06 29.07
N SER A 131 -15.49 -0.51 28.73
CA SER A 131 -14.26 -0.23 29.46
C SER A 131 -13.38 0.88 28.85
N SER A 132 -12.39 1.32 29.63
CA SER A 132 -11.49 2.41 29.25
C SER A 132 -10.05 1.92 29.01
N ASN A 133 -9.78 0.67 29.37
CA ASN A 133 -8.56 0.00 28.94
C ASN A 133 -8.77 -0.60 27.57
N PRO A 134 -7.72 -0.60 26.73
CA PRO A 134 -7.79 -1.45 25.57
C PRO A 134 -7.83 -2.90 26.02
N MET A 135 -8.63 -3.72 25.37
CA MET A 135 -8.59 -5.14 25.69
C MET A 135 -7.44 -5.79 24.93
N MET A 136 -7.00 -5.15 23.85
CA MET A 136 -5.87 -5.64 23.08
C MET A 136 -5.18 -4.51 22.32
N VAL A 137 -3.85 -4.45 22.43
CA VAL A 137 -3.03 -3.46 21.73
C VAL A 137 -2.11 -4.14 20.71
N LEU A 138 -2.05 -3.59 19.50
CA LEU A 138 -1.17 -4.11 18.46
C LEU A 138 -0.23 -3.05 17.88
N GLN A 139 1.05 -3.39 17.84
CA GLN A 139 2.05 -2.51 17.27
C GLN A 139 2.04 -2.57 15.75
N LEU A 140 2.15 -1.39 15.13
CA LEU A 140 2.23 -1.29 13.69
C LEU A 140 3.64 -0.80 13.38
N PRO A 141 4.11 -1.04 12.14
CA PRO A 141 5.44 -0.58 11.74
C PRO A 141 5.52 0.92 11.50
N GLU A 142 4.38 1.55 11.26
CA GLU A 142 4.33 2.99 10.99
C GLU A 142 2.95 3.60 11.30
N ARG A 143 2.81 4.89 11.01
CA ARG A 143 1.53 5.59 11.09
C ARG A 143 0.44 4.88 10.28
N CYS A 144 -0.70 4.65 10.93
CA CYS A 144 -1.83 4.00 10.27
C CYS A 144 -2.48 4.95 9.26
N TYR A 145 -2.56 4.53 8.00
CA TYR A 145 -3.07 5.38 6.95
C TYR A 145 -4.48 5.03 6.47
N CYS A 146 -4.79 3.74 6.45
CA CYS A 146 -6.12 3.24 6.08
C CYS A 146 -6.20 1.75 6.41
N ALA A 147 -7.43 1.23 6.43
CA ALA A 147 -7.71 -0.13 6.87
C ALA A 147 -9.08 -0.57 6.37
N ASP A 148 -9.33 -1.88 6.39
CA ASP A 148 -10.68 -2.43 6.16
C ASP A 148 -10.91 -3.72 6.95
N VAL A 149 -12.17 -3.99 7.24
CA VAL A 149 -12.55 -5.17 8.03
C VAL A 149 -13.72 -5.94 7.43
N ILE A 150 -13.49 -7.23 7.17
CA ILE A 150 -14.56 -8.20 6.90
C ILE A 150 -14.14 -9.51 7.55
N TYR A 151 -14.85 -9.91 8.60
CA TYR A 151 -14.52 -11.12 9.37
C TYR A 151 -14.31 -12.34 8.48
N PRO A 152 -13.21 -13.10 8.67
CA PRO A 152 -12.22 -13.02 9.74
C PRO A 152 -10.90 -12.34 9.34
N MET A 153 -10.97 -11.43 8.37
CA MET A 153 -9.78 -10.78 7.82
C MET A 153 -9.81 -9.27 7.98
N ALA A 154 -8.64 -8.70 8.26
CA ALA A 154 -8.47 -7.25 8.30
C ALA A 154 -7.18 -6.89 7.57
N VAL A 155 -7.25 -5.84 6.76
CA VAL A 155 -6.05 -5.27 6.13
C VAL A 155 -5.77 -3.89 6.72
N VAL A 156 -4.49 -3.61 6.91
CA VAL A 156 -4.05 -2.31 7.38
C VAL A 156 -2.91 -1.83 6.50
N ALA A 157 -2.98 -0.57 6.08
CA ALA A 157 -1.92 0.08 5.32
C ALA A 157 -1.27 1.18 6.17
N THR A 158 0.05 1.23 6.19
CA THR A 158 0.76 2.25 6.97
C THR A 158 1.63 3.18 6.11
N ALA A 159 2.13 4.25 6.73
CA ALA A 159 3.18 5.07 6.15
C ALA A 159 4.33 4.16 5.71
N GLU A 160 5.15 4.65 4.79
CA GLU A 160 6.29 3.89 4.29
C GLU A 160 5.86 2.58 3.66
N ARG A 161 4.67 2.60 3.05
CA ARG A 161 4.13 1.50 2.25
C ARG A 161 4.05 0.19 3.02
N GLY A 162 3.66 0.28 4.28
CA GLY A 162 3.41 -0.89 5.09
C GLY A 162 2.09 -1.49 4.68
N LEU A 163 2.02 -2.81 4.71
CA LEU A 163 0.81 -3.52 4.34
C LEU A 163 0.74 -4.79 5.16
N ILE A 164 -0.35 -4.96 5.89
CA ILE A 164 -0.48 -6.08 6.82
C ILE A 164 -1.89 -6.67 6.79
N VAL A 165 -1.97 -8.00 6.81
CA VAL A 165 -3.23 -8.76 6.87
C VAL A 165 -3.37 -9.42 8.22
N TYR A 166 -4.62 -9.49 8.70
CA TYR A 166 -4.90 -10.02 10.04
C TYR A 166 -5.99 -11.10 9.99
N GLN A 167 -5.88 -12.07 10.90
CA GLN A 167 -6.93 -13.08 11.11
C GLN A 167 -7.66 -12.69 12.37
N LEU A 168 -8.98 -12.89 12.37
CA LEU A 168 -9.83 -12.40 13.46
C LEU A 168 -10.51 -13.47 14.35
N GLU A 169 -10.31 -14.74 14.03
CA GLU A 169 -10.85 -15.86 14.84
C GLU A 169 -10.18 -15.84 16.22
N ASN A 170 -10.95 -16.18 17.26
CA ASN A 170 -10.48 -16.10 18.65
C ASN A 170 -10.00 -14.69 18.94
N GLN A 171 -8.71 -14.51 19.26
CA GLN A 171 -8.16 -13.15 19.33
C GLN A 171 -7.52 -12.75 18.00
N PRO A 172 -7.63 -11.46 17.62
CA PRO A 172 -7.01 -11.00 16.38
C PRO A 172 -5.49 -11.02 16.46
N SER A 173 -4.86 -11.42 15.35
CA SER A 173 -3.41 -11.59 15.28
C SER A 173 -2.91 -11.29 13.87
N GLU A 174 -1.61 -11.00 13.77
CA GLU A 174 -0.98 -10.79 12.47
C GLU A 174 -1.01 -12.07 11.65
N PHE A 175 -1.49 -11.97 10.41
CA PHE A 175 -1.52 -13.10 9.49
C PHE A 175 -0.36 -13.07 8.48
N ARG A 176 -0.16 -11.93 7.82
CA ARG A 176 0.88 -11.79 6.82
C ARG A 176 1.36 -10.35 6.69
N ARG A 177 2.68 -10.16 6.68
CA ARG A 177 3.29 -8.86 6.37
C ARG A 177 3.65 -8.83 4.89
N ILE A 178 2.82 -8.18 4.08
CA ILE A 178 3.02 -8.16 2.64
C ILE A 178 4.06 -7.12 2.21
N GLU A 179 4.91 -7.47 1.25
CA GLU A 179 5.68 -6.47 0.51
C GLU A 179 4.78 -5.81 -0.55
N SER A 180 4.54 -4.52 -0.39
CA SER A 180 3.56 -3.80 -1.20
C SER A 180 3.82 -3.91 -2.69
N PRO A 181 2.75 -4.13 -3.46
CA PRO A 181 2.85 -4.18 -4.92
C PRO A 181 2.99 -2.79 -5.52
N LEU A 182 2.64 -1.78 -4.73
CA LEU A 182 2.69 -0.39 -5.18
C LEU A 182 3.98 0.29 -4.68
N LYS A 183 4.47 1.25 -5.45
CA LYS A 183 5.75 1.89 -5.12
C LYS A 183 5.57 3.34 -4.64
N HIS A 184 4.32 3.74 -4.41
CA HIS A 184 3.98 5.07 -3.92
C HIS A 184 3.05 4.99 -2.72
N GLN A 185 3.04 6.06 -1.92
CA GLN A 185 2.29 6.16 -0.67
C GLN A 185 0.90 5.52 -0.67
N HIS A 186 0.61 4.71 0.34
CA HIS A 186 -0.71 4.07 0.47
C HIS A 186 -1.77 5.06 0.93
N ARG A 187 -2.97 4.95 0.35
CA ARG A 187 -4.04 5.92 0.58
C ARG A 187 -5.34 5.25 1.08
N CYS A 188 -5.81 4.23 0.37
CA CYS A 188 -7.06 3.55 0.75
C CYS A 188 -7.10 2.07 0.30
N VAL A 189 -7.82 1.25 1.08
CA VAL A 189 -7.93 -0.21 0.83
C VAL A 189 -9.37 -0.75 1.02
N ALA A 190 -9.73 -1.80 0.27
CA ALA A 190 -11.04 -2.47 0.41
C ALA A 190 -10.99 -3.98 0.21
N ILE A 191 -11.52 -4.73 1.18
CA ILE A 191 -11.53 -6.19 1.14
C ILE A 191 -12.60 -6.74 0.20
N PHE A 192 -12.21 -7.61 -0.74
CA PHE A 192 -13.20 -8.28 -1.60
C PHE A 192 -13.38 -9.77 -1.33
N LYS A 193 -14.54 -10.30 -1.71
CA LYS A 193 -14.90 -11.68 -1.42
C LYS A 193 -14.88 -12.59 -2.63
N ASP A 194 -14.77 -13.90 -2.37
CA ASP A 194 -14.87 -14.93 -3.41
C ASP A 194 -16.34 -15.27 -3.65
N LYS A 195 -16.60 -16.06 -4.69
CA LYS A 195 -17.95 -16.51 -5.06
C LYS A 195 -18.68 -17.18 -3.89
N GLN A 196 -17.95 -17.93 -3.07
CA GLN A 196 -18.50 -18.58 -1.89
C GLN A 196 -18.68 -17.59 -0.71
N ASN A 197 -18.54 -16.29 -1.03
CA ASN A 197 -18.76 -15.17 -0.10
C ASN A 197 -17.83 -15.08 1.11
N LYS A 198 -16.55 -15.38 0.90
CA LYS A 198 -15.53 -15.27 1.94
C LYS A 198 -14.49 -14.19 1.62
N PRO A 199 -13.97 -13.50 2.66
CA PRO A 199 -12.78 -12.65 2.53
C PRO A 199 -11.64 -13.37 1.79
N THR A 200 -11.32 -12.89 0.60
CA THR A 200 -10.38 -13.54 -0.30
C THR A 200 -9.22 -12.65 -0.79
N GLY A 201 -9.36 -11.33 -0.63
CA GLY A 201 -8.32 -10.39 -1.06
C GLY A 201 -8.55 -8.96 -0.58
N PHE A 202 -7.95 -8.01 -1.29
CA PHE A 202 -8.20 -6.57 -1.10
C PHE A 202 -7.80 -5.75 -2.32
N ALA A 203 -8.32 -4.52 -2.39
CA ALA A 203 -7.87 -3.54 -3.39
C ALA A 203 -7.21 -2.35 -2.69
N LEU A 204 -6.00 -2.02 -3.11
CA LEU A 204 -5.18 -0.97 -2.50
C LEU A 204 -4.95 0.16 -3.48
N GLY A 205 -5.21 1.39 -3.03
CA GLY A 205 -5.02 2.56 -3.88
C GLY A 205 -3.88 3.43 -3.39
N SER A 206 -2.96 3.75 -4.29
CA SER A 206 -1.86 4.66 -3.99
C SER A 206 -2.22 6.10 -4.38
N ILE A 207 -1.29 7.03 -4.18
CA ILE A 207 -1.50 8.43 -4.59
C ILE A 207 -1.12 8.64 -6.05
N GLU A 208 -0.66 7.57 -6.70
CA GLU A 208 -0.03 7.67 -8.01
C GLU A 208 -0.95 7.20 -9.15
N GLY A 209 -2.21 7.61 -9.10
CA GLY A 209 -3.23 7.15 -10.05
C GLY A 209 -3.12 5.67 -10.39
N ARG A 210 -3.20 4.82 -9.35
CA ARG A 210 -2.98 3.38 -9.50
C ARG A 210 -3.61 2.55 -8.38
N VAL A 211 -4.21 1.41 -8.74
CA VAL A 211 -4.75 0.47 -7.77
C VAL A 211 -4.13 -0.91 -7.96
N ALA A 212 -3.85 -1.57 -6.84
CA ALA A 212 -3.36 -2.95 -6.86
C ALA A 212 -4.45 -3.92 -6.41
N ILE A 213 -4.62 -4.99 -7.18
CA ILE A 213 -5.52 -6.10 -6.82
C ILE A 213 -4.67 -7.23 -6.26
N HIS A 214 -4.93 -7.62 -5.02
CA HIS A 214 -4.07 -8.58 -4.34
C HIS A 214 -4.86 -9.72 -3.70
N TYR A 215 -4.68 -10.92 -4.23
CA TYR A 215 -5.27 -12.14 -3.68
C TYR A 215 -4.32 -12.73 -2.64
N ILE A 216 -4.89 -13.10 -1.49
CA ILE A 216 -4.16 -13.73 -0.40
C ILE A 216 -3.55 -15.06 -0.85
N ASN A 217 -4.40 -15.90 -1.45
CA ASN A 217 -4.06 -17.30 -1.72
C ASN A 217 -4.53 -17.74 -3.12
N PRO A 218 -3.85 -17.24 -4.17
CA PRO A 218 -4.29 -17.53 -5.54
C PRO A 218 -3.44 -18.61 -6.21
N PRO A 219 -4.03 -19.39 -7.14
CA PRO A 219 -3.32 -20.48 -7.82
C PRO A 219 -1.99 -20.07 -8.46
N ASN A 220 -1.91 -18.84 -8.98
CA ASN A 220 -0.66 -18.31 -9.54
C ASN A 220 -0.48 -16.78 -9.38
N PRO A 221 0.13 -16.35 -8.26
CA PRO A 221 0.31 -14.94 -7.92
C PRO A 221 0.82 -14.08 -9.06
N ALA A 222 1.75 -14.61 -9.87
CA ALA A 222 2.43 -13.86 -10.92
C ALA A 222 1.50 -13.24 -11.99
N LYS A 223 0.33 -13.84 -12.19
CA LYS A 223 -0.66 -13.32 -13.16
C LYS A 223 -1.95 -12.88 -12.48
N ASP A 224 -2.36 -13.62 -11.45
CA ASP A 224 -3.58 -13.36 -10.69
C ASP A 224 -3.51 -12.04 -9.91
N ASN A 225 -2.35 -11.75 -9.35
CA ASN A 225 -2.09 -10.46 -8.72
C ASN A 225 -1.59 -9.48 -9.74
N PHE A 226 -2.36 -8.42 -9.93
CA PHE A 226 -2.04 -7.40 -10.90
C PHE A 226 -2.33 -6.00 -10.36
N THR A 227 -2.02 -5.00 -11.18
CA THR A 227 -2.19 -3.60 -10.84
C THR A 227 -2.70 -2.83 -12.06
N PHE A 228 -3.60 -1.88 -11.86
CA PHE A 228 -4.13 -1.09 -12.98
C PHE A 228 -4.13 0.42 -12.71
N LYS A 229 -3.90 1.19 -13.77
CA LYS A 229 -3.87 2.64 -13.67
C LYS A 229 -5.29 3.22 -13.74
N CYS A 230 -5.50 4.31 -13.01
CA CYS A 230 -6.79 4.99 -12.95
C CYS A 230 -6.62 6.46 -12.59
N HIS A 231 -7.72 7.21 -12.62
CA HIS A 231 -7.75 8.64 -12.30
C HIS A 231 -6.58 9.44 -12.89
N ARG A 232 -6.42 9.30 -14.20
CA ARG A 232 -5.43 10.06 -14.96
C ARG A 232 -6.09 10.80 -16.11
N SER A 233 -6.00 12.13 -16.10
CA SER A 233 -6.50 12.95 -17.21
C SER A 233 -5.60 12.81 -18.42
N ASN A 234 -6.22 12.56 -19.58
CA ASN A 234 -5.56 12.31 -20.90
C ASN A 234 -5.73 10.86 -21.36
N SER A 239 1.25 13.43 -26.85
CA SER A 239 1.51 14.83 -27.14
C SER A 239 1.75 15.67 -25.86
N ALA A 240 0.73 15.77 -25.03
CA ALA A 240 0.78 16.52 -23.77
C ALA A 240 1.29 15.65 -22.59
N PRO A 241 1.55 16.26 -21.42
CA PRO A 241 1.81 15.48 -20.19
C PRO A 241 0.53 14.95 -19.53
N GLN A 242 0.53 13.66 -19.18
CA GLN A 242 -0.64 13.03 -18.53
C GLN A 242 -0.65 13.33 -17.04
N ASP A 243 -1.77 13.89 -16.58
CA ASP A 243 -1.94 14.31 -15.18
C ASP A 243 -2.34 13.14 -14.26
N ILE A 244 -1.60 12.97 -13.18
CA ILE A 244 -1.79 11.85 -12.25
C ILE A 244 -2.43 12.31 -10.93
N TYR A 245 -3.49 11.62 -10.52
CA TYR A 245 -4.21 12.00 -9.30
C TYR A 245 -4.32 10.87 -8.27
N ALA A 246 -4.42 11.25 -6.99
CA ALA A 246 -4.52 10.29 -5.91
C ALA A 246 -5.88 9.61 -5.90
N VAL A 247 -5.89 8.29 -5.69
CA VAL A 247 -7.14 7.60 -5.41
C VAL A 247 -7.47 7.84 -3.93
N ASN A 248 -8.63 8.43 -3.64
CA ASN A 248 -8.98 8.83 -2.28
C ASN A 248 -9.87 7.86 -1.52
N GLY A 249 -10.69 7.12 -2.25
CA GLY A 249 -11.56 6.11 -1.65
C GLY A 249 -11.69 4.92 -2.57
N ILE A 250 -12.18 3.81 -2.02
CA ILE A 250 -12.36 2.56 -2.79
C ILE A 250 -13.38 1.66 -2.09
N ALA A 251 -14.42 1.25 -2.82
CA ALA A 251 -15.48 0.43 -2.23
C ALA A 251 -16.01 -0.60 -3.22
N PHE A 252 -16.20 -1.83 -2.71
CA PHE A 252 -16.80 -2.91 -3.51
C PHE A 252 -18.33 -2.90 -3.43
N HIS A 253 -18.97 -3.30 -4.52
CA HIS A 253 -20.40 -3.57 -4.50
C HIS A 253 -20.69 -4.82 -3.66
N PRO A 254 -21.52 -4.68 -2.61
CA PRO A 254 -21.72 -5.76 -1.64
C PRO A 254 -22.42 -6.99 -2.22
N VAL A 255 -22.93 -6.86 -3.45
CA VAL A 255 -23.67 -7.94 -4.13
C VAL A 255 -22.99 -8.45 -5.41
N HIS A 256 -22.55 -7.53 -6.26
CA HIS A 256 -22.07 -7.86 -7.61
C HIS A 256 -20.58 -8.16 -7.74
N GLY A 257 -19.76 -7.65 -6.81
CA GLY A 257 -18.31 -7.92 -6.82
C GLY A 257 -17.46 -6.96 -7.65
N THR A 258 -18.12 -5.99 -8.29
CA THR A 258 -17.41 -4.93 -8.98
C THR A 258 -17.16 -3.79 -8.00
N LEU A 259 -16.25 -2.87 -8.35
CA LEU A 259 -15.78 -1.85 -7.40
C LEU A 259 -15.89 -0.40 -7.90
N ALA A 260 -15.94 0.52 -6.93
CA ALA A 260 -15.94 1.94 -7.23
C ALA A 260 -14.66 2.56 -6.69
N THR A 261 -14.05 3.43 -7.51
CA THR A 261 -12.87 4.20 -7.11
C THR A 261 -13.17 5.69 -7.33
N VAL A 262 -12.58 6.53 -6.48
CA VAL A 262 -12.82 7.98 -6.53
C VAL A 262 -11.52 8.72 -6.29
N GLY A 263 -11.29 9.79 -7.05
CA GLY A 263 -9.97 10.45 -7.08
C GLY A 263 -9.90 11.94 -6.80
N SER A 264 -8.67 12.44 -6.80
CA SER A 264 -8.38 13.88 -6.66
C SER A 264 -8.84 14.68 -7.88
N ASP A 265 -8.92 14.02 -9.04
CA ASP A 265 -9.33 14.65 -10.30
C ASP A 265 -10.83 15.02 -10.37
N GLY A 266 -11.58 14.62 -9.36
CA GLY A 266 -13.01 14.89 -9.29
C GLY A 266 -13.86 13.96 -10.16
N ARG A 267 -13.46 12.71 -10.26
CA ARG A 267 -14.19 11.71 -11.04
C ARG A 267 -14.38 10.44 -10.22
N PHE A 268 -15.47 9.72 -10.48
CA PHE A 268 -15.57 8.33 -10.01
C PHE A 268 -15.50 7.37 -11.18
N SER A 269 -15.08 6.13 -10.90
CA SER A 269 -15.03 5.09 -11.93
C SER A 269 -15.44 3.73 -11.38
N PHE A 270 -16.18 2.98 -12.21
CA PHE A 270 -16.56 1.62 -11.84
C PHE A 270 -15.75 0.63 -12.66
N TRP A 271 -15.28 -0.43 -12.02
CA TRP A 271 -14.38 -1.39 -12.65
C TRP A 271 -14.81 -2.83 -12.41
N ASP A 272 -14.54 -3.70 -13.37
CA ASP A 272 -14.65 -5.14 -13.18
C ASP A 272 -13.25 -5.73 -13.11
N LYS A 273 -12.88 -6.18 -11.91
CA LYS A 273 -11.53 -6.65 -11.64
C LYS A 273 -11.27 -8.06 -12.17
N ASP A 274 -12.33 -8.85 -12.38
CA ASP A 274 -12.19 -10.20 -12.93
C ASP A 274 -12.01 -10.12 -14.44
N ALA A 275 -12.90 -9.37 -15.09
CA ALA A 275 -12.84 -9.17 -16.53
C ALA A 275 -11.72 -8.20 -16.90
N ARG A 276 -11.21 -7.47 -15.91
CA ARG A 276 -10.16 -6.45 -16.09
C ARG A 276 -10.61 -5.37 -17.07
N THR A 277 -11.83 -4.87 -16.85
CA THR A 277 -12.44 -3.91 -17.75
C THR A 277 -13.01 -2.74 -16.97
N LYS A 278 -12.78 -1.53 -17.48
CA LYS A 278 -13.42 -0.34 -16.95
C LYS A 278 -14.88 -0.39 -17.37
N LEU A 279 -15.77 0.09 -16.51
CA LEU A 279 -17.19 0.12 -16.82
C LEU A 279 -17.66 1.53 -17.15
N LYS A 280 -17.50 2.44 -16.19
CA LYS A 280 -17.90 3.83 -16.36
C LYS A 280 -16.87 4.78 -15.73
N THR A 281 -16.56 5.88 -16.41
CA THR A 281 -15.84 7.02 -15.82
C THR A 281 -16.74 8.24 -15.94
N SER A 282 -16.96 8.94 -14.82
CA SER A 282 -17.93 10.05 -14.79
C SER A 282 -17.41 11.34 -15.42
N GLU A 283 -18.27 12.37 -15.35
CA GLU A 283 -17.89 13.75 -15.64
C GLU A 283 -16.91 14.22 -14.57
N GLN A 284 -16.01 15.13 -14.96
CA GLN A 284 -15.20 15.83 -13.98
C GLN A 284 -16.03 16.86 -13.22
N LEU A 285 -15.81 16.95 -11.91
CA LEU A 285 -16.51 17.90 -11.06
C LEU A 285 -15.67 19.14 -10.76
N ASP A 286 -16.28 20.12 -10.11
CA ASP A 286 -15.64 21.40 -9.75
C ASP A 286 -14.47 21.25 -8.78
N GLN A 287 -14.49 20.19 -7.97
CA GLN A 287 -13.41 19.85 -7.02
C GLN A 287 -13.26 18.32 -6.89
N PRO A 288 -12.14 17.84 -6.28
CA PRO A 288 -11.92 16.40 -6.02
C PRO A 288 -13.06 15.69 -5.29
N ILE A 289 -13.11 14.36 -5.44
CA ILE A 289 -14.03 13.54 -4.65
C ILE A 289 -13.24 12.89 -3.52
N SER A 290 -13.63 13.18 -2.29
CA SER A 290 -12.83 12.85 -1.12
C SER A 290 -13.23 11.55 -0.46
N ALA A 291 -14.51 11.18 -0.53
CA ALA A 291 -15.03 9.98 0.11
C ALA A 291 -16.18 9.38 -0.69
N CYS A 292 -16.44 8.09 -0.50
CA CYS A 292 -17.52 7.40 -1.19
C CYS A 292 -17.88 6.06 -0.53
N CYS A 293 -19.10 5.60 -0.74
CA CYS A 293 -19.49 4.22 -0.38
C CYS A 293 -20.87 3.81 -0.94
N PHE A 294 -21.28 2.58 -0.64
CA PHE A 294 -22.57 2.02 -1.07
C PHE A 294 -23.49 1.77 0.13
N ASN A 295 -24.81 1.82 -0.09
CA ASN A 295 -25.78 1.43 0.96
C ASN A 295 -25.79 -0.08 1.17
N HIS A 296 -26.32 -0.52 2.33
CA HIS A 296 -26.21 -1.93 2.76
C HIS A 296 -26.31 -2.98 1.66
N ASN A 297 -27.15 -2.72 0.65
CA ASN A 297 -27.37 -3.65 -0.45
C ASN A 297 -26.75 -3.19 -1.79
N GLY A 298 -26.46 -1.90 -1.90
CA GLY A 298 -25.73 -1.40 -3.05
C GLY A 298 -26.56 -0.85 -4.20
N ASN A 299 -27.74 -0.30 -3.89
CA ASN A 299 -28.55 0.40 -4.89
C ASN A 299 -28.09 1.86 -5.02
N ILE A 300 -27.58 2.41 -3.93
CA ILE A 300 -27.17 3.81 -3.80
C ILE A 300 -25.67 3.96 -3.63
N PHE A 301 -25.06 4.77 -4.50
CA PHE A 301 -23.63 5.08 -4.42
C PHE A 301 -23.40 6.52 -3.98
N ALA A 302 -23.07 6.68 -2.70
CA ALA A 302 -22.71 7.99 -2.11
C ALA A 302 -21.32 8.42 -2.56
N TYR A 303 -21.11 9.72 -2.73
CA TYR A 303 -19.78 10.31 -2.98
C TYR A 303 -19.76 11.80 -2.72
N ALA A 304 -18.78 12.24 -1.93
CA ALA A 304 -18.65 13.65 -1.52
C ALA A 304 -17.67 14.41 -2.40
N SER A 305 -18.03 15.65 -2.74
CA SER A 305 -17.14 16.52 -3.50
C SER A 305 -16.56 17.56 -2.56
N SER A 306 -15.29 17.40 -2.21
CA SER A 306 -14.58 18.28 -1.29
C SER A 306 -13.16 18.48 -1.72
N TYR A 307 -12.49 19.48 -1.15
CA TYR A 307 -11.06 19.64 -1.39
C TYR A 307 -10.29 18.70 -0.46
N ASP A 308 -9.48 17.84 -1.07
CA ASP A 308 -8.76 16.77 -0.36
C ASP A 308 -7.36 17.18 0.07
N TRP A 309 -7.00 18.42 -0.24
CA TRP A 309 -5.72 19.03 0.15
C TRP A 309 -4.54 18.53 -0.68
N SER A 310 -4.86 17.93 -1.83
CA SER A 310 -3.86 17.31 -2.71
C SER A 310 -2.92 18.30 -3.38
N LYS A 311 -3.16 19.59 -3.17
CA LYS A 311 -2.33 20.65 -3.74
C LYS A 311 -1.85 21.67 -2.68
N GLY A 312 -2.08 21.37 -1.41
CA GLY A 312 -1.59 22.22 -0.33
C GLY A 312 -2.58 23.29 0.06
N HIS A 313 -2.22 24.09 1.06
CA HIS A 313 -3.14 25.08 1.63
C HIS A 313 -3.59 26.16 0.64
N GLU A 314 -2.80 26.36 -0.42
CA GLU A 314 -3.01 27.44 -1.38
C GLU A 314 -4.28 27.37 -2.22
N PHE A 315 -4.67 26.16 -2.63
CA PHE A 315 -5.87 25.97 -3.46
C PHE A 315 -7.14 25.72 -2.67
N TYR A 316 -7.06 25.88 -1.35
CA TYR A 316 -8.23 25.77 -0.50
C TYR A 316 -9.05 27.03 -0.65
N ASN A 317 -10.32 26.85 -1.01
CA ASN A 317 -11.25 27.95 -1.13
C ASN A 317 -12.35 27.76 -0.11
N PRO A 318 -12.15 28.29 1.12
CA PRO A 318 -13.05 28.09 2.27
C PRO A 318 -14.51 28.38 1.95
N GLN A 319 -14.73 29.05 0.82
CA GLN A 319 -16.04 29.54 0.42
C GLN A 319 -16.87 28.52 -0.36
N LYS A 320 -16.21 27.68 -1.18
CA LYS A 320 -16.89 26.68 -2.01
C LYS A 320 -17.74 25.73 -1.15
N LYS A 321 -18.91 25.38 -1.68
CA LYS A 321 -19.81 24.42 -1.02
C LYS A 321 -19.19 23.03 -1.08
N ASN A 322 -19.45 22.24 -0.05
CA ASN A 322 -19.12 20.83 -0.07
C ASN A 322 -20.39 20.02 -0.33
N TYR A 323 -20.41 19.29 -1.45
CA TYR A 323 -21.58 18.51 -1.82
C TYR A 323 -21.40 17.04 -1.49
N ILE A 324 -22.50 16.39 -1.12
CA ILE A 324 -22.57 14.93 -1.13
C ILE A 324 -23.61 14.55 -2.20
N PHE A 325 -23.25 13.64 -3.10
CA PHE A 325 -24.17 13.18 -4.14
C PHE A 325 -24.61 11.73 -3.96
N LEU A 326 -25.84 11.44 -4.37
CA LEU A 326 -26.37 10.08 -4.37
C LEU A 326 -26.75 9.67 -5.79
N ARG A 327 -26.48 8.42 -6.14
CA ARG A 327 -26.71 7.93 -7.50
C ARG A 327 -27.39 6.55 -7.45
N ASN A 328 -28.71 6.54 -7.67
CA ASN A 328 -29.52 5.31 -7.62
C ASN A 328 -29.16 4.40 -8.81
N ALA A 329 -27.98 3.79 -8.73
CA ALA A 329 -27.40 3.06 -9.86
C ALA A 329 -26.95 1.63 -9.53
N ALA A 330 -27.92 0.71 -9.48
CA ALA A 330 -27.64 -0.72 -9.36
C ALA A 330 -27.46 -1.33 -10.75
N GLU A 331 -27.88 -0.58 -11.78
CA GLU A 331 -27.81 -1.04 -13.18
C GLU A 331 -26.46 -0.76 -13.80
N GLU A 332 -25.81 0.30 -13.33
CA GLU A 332 -24.51 0.72 -13.84
C GLU A 332 -23.38 -0.22 -13.40
N LEU A 333 -23.65 -1.02 -12.37
CA LEU A 333 -22.64 -1.89 -11.75
C LEU A 333 -22.90 -3.38 -11.93
N LYS A 334 -23.11 -3.80 -13.19
CA LYS A 334 -23.32 -5.20 -13.49
C LYS A 334 -22.30 -5.67 -14.53
N PRO A 335 -21.60 -6.79 -14.24
CA PRO A 335 -20.70 -7.36 -15.24
C PRO A 335 -21.48 -7.97 -16.41
N ARG A 336 -20.79 -8.25 -17.52
CA ARG A 336 -21.45 -8.93 -18.66
C ARG A 336 -20.59 -10.09 -19.17
N THR B 4 6.96 21.93 8.72
CA THR B 4 5.61 21.89 9.38
C THR B 4 4.52 22.66 8.61
N GLY B 5 3.65 21.92 7.95
CA GLY B 5 2.61 22.50 7.11
C GLY B 5 3.01 22.56 5.64
N THR B 6 2.17 23.17 4.81
CA THR B 6 2.42 23.26 3.36
C THR B 6 2.96 24.63 2.91
N THR B 7 4.08 25.04 3.50
CA THR B 7 4.65 26.37 3.26
C THR B 7 5.34 26.48 1.89
N ILE B 8 6.04 25.41 1.52
CA ILE B 8 6.70 25.29 0.21
C ILE B 8 5.63 25.13 -0.88
N LYS B 9 5.69 25.97 -1.90
CA LYS B 9 4.62 26.05 -2.90
C LYS B 9 4.47 24.73 -3.65
N PHE B 10 3.26 24.49 -4.18
CA PHE B 10 2.99 23.28 -4.93
C PHE B 10 3.66 23.29 -6.30
N ASN B 11 4.38 22.22 -6.61
CA ASN B 11 5.05 22.05 -7.90
C ASN B 11 5.11 20.56 -8.27
N PRO B 12 4.24 20.13 -9.22
CA PRO B 12 4.07 18.72 -9.54
C PRO B 12 5.34 18.07 -10.10
N PRO B 13 5.83 17.01 -9.44
CA PRO B 13 6.93 16.19 -9.92
C PRO B 13 6.62 15.61 -11.30
N THR B 14 7.65 15.44 -12.11
CA THR B 14 7.47 14.90 -13.46
C THR B 14 8.12 13.53 -13.60
N GLY B 15 7.70 12.77 -14.60
CA GLY B 15 8.30 11.47 -14.89
C GLY B 15 7.79 10.86 -16.17
N THR B 16 8.30 9.67 -16.49
CA THR B 16 7.87 8.94 -17.68
C THR B 16 7.03 7.72 -17.30
N ASP B 17 6.29 7.21 -18.27
CA ASP B 17 5.49 5.98 -18.11
C ASP B 17 5.08 5.44 -19.49
N THR B 18 4.82 4.14 -19.53
CA THR B 18 4.30 3.49 -20.73
C THR B 18 2.76 3.49 -20.69
N MET B 19 2.12 3.17 -21.81
CA MET B 19 0.66 3.23 -21.89
C MET B 19 0.13 2.29 -22.97
N VAL B 20 -0.45 1.16 -22.55
CA VAL B 20 -1.13 0.24 -23.48
C VAL B 20 -2.65 0.30 -23.29
N GLY B 23 -4.22 -2.82 -26.48
CA GLY B 23 -2.93 -3.35 -26.89
C GLY B 23 -2.13 -2.37 -27.72
N VAL B 24 -2.50 -1.09 -27.64
CA VAL B 24 -1.87 0.00 -28.39
C VAL B 24 -0.69 0.68 -27.64
N SER B 25 0.44 -0.03 -27.60
CA SER B 25 1.60 0.36 -26.79
C SER B 25 2.22 1.69 -27.21
N THR B 26 2.45 2.58 -26.24
CA THR B 26 2.96 3.92 -26.51
C THR B 26 3.84 4.47 -25.37
N ASN B 27 4.40 5.67 -25.52
CA ASN B 27 5.22 6.32 -24.47
C ASN B 27 4.78 7.74 -24.14
N ILE B 28 4.74 8.07 -22.85
CA ILE B 28 4.27 9.40 -22.42
C ILE B 28 5.16 10.11 -21.38
N SER B 29 4.75 11.33 -21.03
CA SER B 29 5.30 12.07 -19.91
C SER B 29 4.24 12.27 -18.84
N THR B 30 4.66 12.29 -17.58
CA THR B 30 3.73 12.43 -16.46
C THR B 30 3.99 13.70 -15.64
N LYS B 31 2.91 14.32 -15.18
CA LYS B 31 2.93 15.33 -14.12
C LYS B 31 2.12 14.79 -12.97
N HIS B 32 2.78 14.53 -11.84
CA HIS B 32 2.09 13.97 -10.68
C HIS B 32 1.42 15.05 -9.84
N GLN B 33 0.09 15.11 -9.90
CA GLN B 33 -0.66 16.20 -9.27
C GLN B 33 -1.02 15.90 -7.80
N CYS B 34 0.00 15.61 -7.00
CA CYS B 34 -0.19 15.38 -5.59
C CYS B 34 1.01 15.90 -4.84
N ILE B 35 0.74 16.75 -3.85
CA ILE B 35 1.77 17.46 -3.09
C ILE B 35 2.75 16.52 -2.37
N THR B 36 2.28 15.34 -1.99
CA THR B 36 3.12 14.39 -1.25
C THR B 36 4.01 13.58 -2.19
N ALA B 37 3.83 13.80 -3.49
CA ALA B 37 4.73 13.22 -4.47
C ALA B 37 6.04 13.98 -4.44
N MET B 38 5.97 15.24 -4.02
CA MET B 38 7.16 16.06 -3.85
C MET B 38 8.10 15.54 -2.77
N LYS B 39 9.40 15.67 -3.01
CA LYS B 39 10.44 15.20 -2.10
C LYS B 39 10.36 15.87 -0.73
N GLU B 40 9.89 17.12 -0.69
CA GLU B 40 9.74 17.86 0.57
C GLU B 40 8.67 17.27 1.51
N TYR B 41 7.56 16.80 0.94
CA TYR B 41 6.41 16.37 1.73
C TYR B 41 6.25 14.86 1.79
N GLU B 42 7.08 14.14 1.03
CA GLU B 42 6.95 12.70 0.85
C GLU B 42 6.82 11.86 2.14
N SER B 43 7.20 12.42 3.28
CA SER B 43 7.18 11.69 4.55
C SER B 43 5.84 11.81 5.30
N LYS B 44 4.94 12.64 4.76
CA LYS B 44 3.64 12.88 5.41
C LYS B 44 2.47 12.55 4.49
N SER B 45 1.25 12.59 5.03
CA SER B 45 0.05 12.26 4.28
C SER B 45 -0.83 13.49 4.21
N LEU B 46 -1.68 13.58 3.20
CA LEU B 46 -2.50 14.77 3.00
C LEU B 46 -3.20 15.23 4.29
N GLU B 47 -3.85 14.29 4.98
CA GLU B 47 -4.56 14.58 6.22
C GLU B 47 -3.61 15.00 7.34
N GLU B 48 -2.36 14.55 7.26
CA GLU B 48 -1.32 15.00 8.19
C GLU B 48 -1.00 16.47 7.94
N LEU B 49 -0.60 16.79 6.70
CA LEU B 49 -0.33 18.17 6.31
C LEU B 49 -1.51 19.07 6.63
N ARG B 50 -2.69 18.69 6.16
CA ARG B 50 -3.88 19.50 6.40
C ARG B 50 -4.01 19.86 7.88
N LEU B 51 -3.80 18.88 8.76
CA LEU B 51 -3.97 19.11 10.19
C LEU B 51 -2.94 20.09 10.71
N GLU B 52 -1.71 19.97 10.20
CA GLU B 52 -0.63 20.90 10.51
C GLU B 52 -0.96 22.32 10.06
N ASP B 53 -1.57 22.44 8.87
CA ASP B 53 -2.05 23.71 8.36
C ASP B 53 -3.20 24.27 9.19
N TYR B 54 -4.10 23.39 9.66
CA TYR B 54 -5.24 23.81 10.47
C TYR B 54 -4.82 24.34 11.84
N GLN B 55 -3.86 23.67 12.46
CA GLN B 55 -3.38 24.10 13.76
C GLN B 55 -2.54 25.36 13.69
N ALA B 56 -1.76 25.49 12.61
CA ALA B 56 -1.01 26.71 12.30
C ALA B 56 -1.97 27.87 11.99
N ASN B 57 -3.25 27.53 11.86
CA ASN B 57 -4.31 28.44 11.42
C ASN B 57 -4.10 28.96 10.00
N ARG B 58 -3.11 28.37 9.32
CA ARG B 58 -2.80 28.72 7.94
C ARG B 58 -3.74 27.99 6.95
N LYS B 59 -5.02 28.29 7.05
CA LYS B 59 -5.99 27.81 6.08
C LYS B 59 -5.95 28.72 4.83
N ASP C 8 -13.92 0.75 -22.33
CA ASP C 8 -12.45 0.55 -22.18
C ASP C 8 -12.07 -0.79 -21.54
N GLU C 9 -10.79 -1.13 -21.63
CA GLU C 9 -10.20 -2.26 -20.93
C GLU C 9 -9.05 -1.74 -20.07
N MET C 10 -8.96 -2.23 -18.83
CA MET C 10 -7.91 -1.82 -17.90
C MET C 10 -6.51 -1.82 -18.52
N ASP C 11 -5.71 -0.80 -18.21
CA ASP C 11 -4.29 -0.81 -18.54
C ASP C 11 -3.53 -1.42 -17.37
N THR C 12 -3.12 -2.67 -17.52
CA THR C 12 -2.51 -3.41 -16.41
C THR C 12 -0.99 -3.51 -16.49
N HIS C 13 -0.41 -2.99 -17.57
CA HIS C 13 1.04 -3.04 -17.76
C HIS C 13 1.76 -2.30 -16.65
N ASP C 14 2.72 -2.97 -16.02
CA ASP C 14 3.45 -2.42 -14.90
C ASP C 14 4.87 -2.94 -14.91
N PRO C 15 5.85 -2.05 -15.18
CA PRO C 15 7.26 -2.45 -15.19
C PRO C 15 7.83 -2.58 -13.77
N ASN C 16 7.05 -2.17 -12.78
CA ASN C 16 7.42 -2.29 -11.39
C ASN C 16 6.68 -3.41 -10.67
N GLN C 17 6.05 -4.29 -11.45
CA GLN C 17 5.31 -5.40 -10.87
C GLN C 17 6.23 -6.17 -9.95
N LEU C 18 5.80 -6.34 -8.71
CA LEU C 18 6.60 -7.04 -7.72
C LEU C 18 6.46 -8.56 -7.88
N ARG C 19 7.26 -9.14 -8.76
CA ARG C 19 7.26 -10.59 -8.97
C ARG C 19 8.15 -11.30 -7.96
N TYR C 20 7.88 -12.58 -7.71
CA TYR C 20 8.71 -13.38 -6.81
C TYR C 20 9.48 -14.44 -7.60
N GLU C 21 10.53 -14.98 -6.97
CA GLU C 21 11.28 -16.07 -7.57
C GLU C 21 11.59 -17.14 -6.54
N LYS C 22 11.47 -18.39 -6.96
CA LYS C 22 11.90 -19.52 -6.15
C LYS C 22 12.98 -20.28 -6.91
N PHE C 23 14.07 -20.61 -6.24
CA PHE C 23 15.23 -21.19 -6.90
C PHE C 23 16.14 -22.05 -6.03
N PHE C 24 16.94 -22.88 -6.69
CA PHE C 24 18.04 -23.58 -6.05
C PHE C 24 19.30 -22.80 -6.40
N PHE C 25 20.27 -22.80 -5.51
CA PHE C 25 21.56 -22.13 -5.76
C PHE C 25 22.80 -22.84 -5.23
N THR C 26 23.92 -22.63 -5.92
CA THR C 26 25.23 -23.11 -5.49
C THR C 26 26.28 -22.03 -5.72
N VAL C 27 27.18 -21.84 -4.75
CA VAL C 27 28.26 -20.86 -4.83
C VAL C 27 29.59 -21.45 -4.37
N LYS C 28 30.54 -21.60 -5.30
CA LYS C 28 31.94 -21.89 -4.94
C LYS C 28 32.84 -20.71 -5.30
N MET C 29 33.56 -20.21 -4.29
CA MET C 29 34.37 -19.00 -4.44
C MET C 29 35.78 -19.14 -3.87
N THR C 30 36.78 -18.79 -4.68
CA THR C 30 38.18 -18.77 -4.25
C THR C 30 38.86 -17.46 -4.63
N VAL C 31 39.49 -16.84 -3.63
CA VAL C 31 40.14 -15.54 -3.80
C VAL C 31 41.62 -15.61 -3.37
N ARG C 32 42.50 -15.61 -4.37
CA ARG C 32 43.94 -15.54 -4.15
C ARG C 32 44.42 -14.09 -4.11
N SER C 33 45.10 -13.72 -3.04
CA SER C 33 45.53 -12.33 -2.84
C SER C 33 46.99 -12.22 -2.37
N ASN C 34 47.62 -11.10 -2.73
CA ASN C 34 49.01 -10.83 -2.33
C ASN C 34 49.17 -10.58 -0.83
N ARG C 35 48.22 -9.88 -0.21
CA ARG C 35 48.23 -9.68 1.25
C ARG C 35 46.84 -9.88 1.88
N PRO C 36 46.78 -9.96 3.24
CA PRO C 36 45.50 -10.16 3.93
C PRO C 36 44.60 -8.92 3.90
N PHE C 37 43.31 -9.13 3.64
CA PHE C 37 42.36 -8.02 3.59
C PHE C 37 42.21 -7.34 4.95
N ARG C 38 42.08 -6.02 4.91
CA ARG C 38 41.95 -5.20 6.12
C ARG C 38 40.50 -5.14 6.58
N THR C 39 39.64 -4.66 5.69
CA THR C 39 38.22 -4.51 5.96
C THR C 39 37.41 -5.43 5.04
N TYR C 40 36.13 -5.60 5.32
CA TYR C 40 35.23 -6.31 4.41
C TYR C 40 35.05 -5.48 3.14
N SER C 41 35.00 -4.16 3.32
CA SER C 41 34.90 -3.21 2.23
C SER C 41 35.91 -3.46 1.10
N ASP C 42 37.09 -3.94 1.47
CA ASP C 42 38.14 -4.30 0.51
C ASP C 42 37.81 -5.58 -0.23
N VAL C 43 37.33 -6.59 0.51
CA VAL C 43 36.92 -7.86 -0.07
C VAL C 43 35.83 -7.64 -1.12
N ALA C 44 34.84 -6.83 -0.76
CA ALA C 44 33.74 -6.51 -1.66
C ALA C 44 34.21 -5.97 -3.00
N ALA C 45 35.22 -5.09 -2.95
CA ALA C 45 35.78 -4.47 -4.13
C ALA C 45 36.41 -5.50 -5.05
N ALA C 46 37.30 -6.31 -4.49
CA ALA C 46 37.97 -7.38 -5.23
C ALA C 46 36.96 -8.37 -5.84
N VAL C 47 36.03 -8.84 -5.01
CA VAL C 47 35.05 -9.85 -5.44
C VAL C 47 34.07 -9.33 -6.51
N SER C 48 33.80 -8.02 -6.50
CA SER C 48 32.80 -7.41 -7.38
C SER C 48 33.30 -7.25 -8.80
N HIS C 49 34.59 -7.54 -9.00
CA HIS C 49 35.21 -7.55 -10.32
C HIS C 49 34.79 -8.76 -11.14
N TRP C 50 34.23 -9.77 -10.49
CA TRP C 50 33.91 -11.06 -11.11
C TRP C 50 33.23 -10.95 -12.48
N ASP C 51 32.44 -9.90 -12.69
CA ASP C 51 31.59 -9.81 -13.87
C ASP C 51 32.14 -8.96 -15.02
N HIS C 52 33.31 -8.36 -14.84
CA HIS C 52 33.91 -7.59 -15.93
C HIS C 52 34.02 -8.48 -17.17
N MET C 53 33.60 -7.95 -18.31
CA MET C 53 33.57 -8.71 -19.56
C MET C 53 32.66 -9.93 -19.41
N TYR C 54 31.42 -9.68 -19.01
CA TYR C 54 30.46 -10.75 -18.69
C TYR C 54 30.13 -11.65 -19.89
N ILE C 55 30.43 -12.93 -19.73
CA ILE C 55 29.98 -13.98 -20.65
C ILE C 55 29.00 -14.88 -19.91
N GLY C 56 27.72 -14.78 -20.24
CA GLY C 56 26.73 -15.58 -19.56
C GLY C 56 25.29 -15.22 -19.80
N MET C 57 24.41 -16.07 -19.27
CA MET C 57 22.96 -15.90 -19.34
C MET C 57 22.52 -14.50 -18.92
N ALA C 58 21.94 -13.76 -19.87
CA ALA C 58 21.51 -12.38 -19.61
C ALA C 58 20.58 -12.31 -18.41
N GLY C 59 19.43 -12.99 -18.50
CA GLY C 59 18.43 -12.98 -17.43
C GLY C 59 18.85 -13.52 -16.07
N LYS C 60 20.09 -14.01 -15.94
CA LYS C 60 20.56 -14.58 -14.68
C LYS C 60 21.54 -13.67 -13.94
N ARG C 61 22.08 -12.69 -14.65
CA ARG C 61 23.14 -11.80 -14.15
C ARG C 61 22.85 -11.16 -12.78
N PRO C 62 21.62 -10.62 -12.59
CA PRO C 62 21.25 -10.03 -11.29
C PRO C 62 21.39 -11.01 -10.13
N PHE C 63 20.97 -12.25 -10.35
CA PHE C 63 20.99 -13.26 -9.31
C PHE C 63 22.41 -13.63 -8.87
N TYR C 64 23.31 -13.74 -9.84
CA TYR C 64 24.72 -14.00 -9.55
C TYR C 64 25.32 -12.94 -8.63
N LYS C 65 24.97 -11.67 -8.89
CA LYS C 65 25.41 -10.57 -8.04
C LYS C 65 25.05 -10.82 -6.59
N ILE C 66 23.84 -11.34 -6.37
CA ILE C 66 23.39 -11.72 -5.04
C ILE C 66 24.27 -12.82 -4.46
N LEU C 67 24.59 -13.82 -5.27
CA LEU C 67 25.41 -14.96 -4.83
C LEU C 67 26.88 -14.58 -4.61
N ALA C 68 27.40 -13.70 -5.46
CA ALA C 68 28.72 -13.11 -5.28
C ALA C 68 28.79 -12.37 -3.96
N PHE C 69 27.80 -11.51 -3.71
CA PHE C 69 27.63 -10.84 -2.43
C PHE C 69 27.58 -11.84 -1.27
N LEU C 70 26.76 -12.88 -1.42
CA LEU C 70 26.65 -13.95 -0.43
C LEU C 70 27.99 -14.68 -0.24
N GLY C 71 28.67 -14.94 -1.35
CA GLY C 71 29.98 -15.58 -1.33
C GLY C 71 30.91 -14.86 -0.37
N SER C 72 31.25 -13.63 -0.70
CA SER C 72 32.18 -12.82 0.07
C SER C 72 31.79 -12.70 1.54
N SER C 73 30.52 -12.91 1.85
CA SER C 73 30.04 -12.80 3.22
C SER C 73 30.53 -13.94 4.10
N ASN C 74 30.92 -15.04 3.45
CA ASN C 74 31.26 -16.28 4.15
C ASN C 74 32.70 -16.76 3.99
N LEU C 75 33.46 -16.08 3.12
CA LEU C 75 34.84 -16.46 2.77
C LEU C 75 35.72 -16.73 3.98
N LYS C 76 36.15 -17.98 4.12
CA LYS C 76 37.08 -18.39 5.18
C LYS C 76 38.47 -18.53 4.57
N ALA C 77 39.48 -18.25 5.38
CA ALA C 77 40.87 -18.29 4.92
C ALA C 77 41.44 -19.71 4.94
N THR C 78 42.00 -20.13 3.80
CA THR C 78 42.77 -21.37 3.71
C THR C 78 44.19 -21.08 4.22
N PRO C 79 44.57 -21.68 5.37
CA PRO C 79 45.87 -21.35 6.03
C PRO C 79 47.15 -21.49 5.17
N GLY C 80 47.03 -22.12 4.01
CA GLY C 80 48.17 -22.35 3.12
C GLY C 80 48.27 -21.41 1.93
N GLY C 81 47.98 -21.94 0.74
CA GLY C 81 48.12 -21.21 -0.52
C GLY C 81 49.28 -21.71 -1.37
N GLN C 87 51.09 -17.16 1.01
CA GLN C 87 50.33 -16.48 -0.04
C GLN C 87 48.82 -16.65 0.13
N PRO C 88 48.18 -15.72 0.89
CA PRO C 88 46.77 -15.74 1.31
C PRO C 88 45.72 -16.24 0.30
N GLU C 89 44.88 -17.17 0.77
CA GLU C 89 43.77 -17.72 -0.01
C GLU C 89 42.48 -17.76 0.82
N TYR C 90 41.39 -17.33 0.20
CA TYR C 90 40.08 -17.35 0.85
C TYR C 90 39.12 -18.24 0.07
N HIS C 91 38.28 -18.96 0.81
CA HIS C 91 37.37 -19.93 0.20
C HIS C 91 36.00 -19.91 0.86
N ALA C 92 34.95 -20.00 0.04
CA ALA C 92 33.58 -20.14 0.52
C ALA C 92 32.72 -21.05 -0.35
N HIS C 93 31.93 -21.88 0.30
CA HIS C 93 30.94 -22.73 -0.38
C HIS C 93 29.56 -22.46 0.22
N CYS C 94 28.63 -22.01 -0.61
CA CYS C 94 27.27 -21.76 -0.17
C CYS C 94 26.26 -22.49 -1.05
N GLU C 95 25.30 -23.15 -0.39
CA GLU C 95 24.33 -23.99 -1.07
C GLU C 95 22.99 -23.91 -0.36
N GLY C 96 21.92 -23.95 -1.15
CA GLY C 96 20.57 -23.90 -0.59
C GLY C 96 19.47 -23.66 -1.58
N ARG C 97 18.28 -23.36 -1.04
CA ARG C 97 17.06 -23.04 -1.80
C ARG C 97 16.39 -21.84 -1.14
N ALA C 98 15.93 -20.89 -1.96
CA ALA C 98 15.40 -19.62 -1.42
C ALA C 98 14.29 -18.95 -2.25
N TYR C 99 13.75 -17.87 -1.67
CA TYR C 99 12.61 -17.14 -2.22
C TYR C 99 13.02 -15.65 -2.29
N LEU C 100 12.94 -15.06 -3.48
CA LEU C 100 13.41 -13.70 -3.70
C LEU C 100 12.41 -12.79 -4.42
N PRO C 101 11.96 -11.73 -3.74
CA PRO C 101 11.09 -10.73 -4.35
C PRO C 101 11.90 -9.69 -5.12
N HIS C 102 11.43 -9.32 -6.30
CA HIS C 102 12.12 -8.32 -7.12
C HIS C 102 11.17 -7.54 -8.03
N ARG C 103 11.68 -6.45 -8.61
CA ARG C 103 10.90 -5.59 -9.50
C ARG C 103 11.52 -5.48 -10.89
N MET C 104 11.91 -6.62 -11.46
CA MET C 104 12.69 -6.62 -12.70
C MET C 104 11.99 -7.25 -13.92
N GLY C 105 10.67 -7.36 -13.86
CA GLY C 105 9.89 -7.96 -14.94
C GLY C 105 10.15 -9.44 -15.16
N LYS C 106 9.57 -9.97 -16.23
CA LYS C 106 9.61 -11.41 -16.52
C LYS C 106 11.01 -12.04 -16.63
N THR C 107 11.38 -12.78 -15.60
CA THR C 107 12.60 -13.59 -15.62
C THR C 107 12.38 -14.80 -16.53
N PRO C 108 13.31 -15.03 -17.49
CA PRO C 108 13.30 -16.27 -18.29
C PRO C 108 13.57 -17.48 -17.40
N PRO C 109 13.06 -18.67 -17.78
CA PRO C 109 13.21 -19.85 -16.93
C PRO C 109 14.67 -20.28 -16.76
N MET C 110 15.03 -20.67 -15.55
CA MET C 110 16.41 -20.98 -15.21
C MET C 110 16.59 -22.49 -15.01
N LEU C 111 17.59 -23.04 -15.70
CA LEU C 111 17.86 -24.49 -15.70
C LEU C 111 19.23 -24.75 -15.08
N ASN C 112 19.42 -25.92 -14.45
CA ASN C 112 20.67 -26.27 -13.78
C ASN C 112 21.82 -26.44 -14.76
N VAL C 113 22.49 -25.34 -15.06
CA VAL C 113 23.67 -25.33 -15.94
C VAL C 113 24.73 -24.43 -15.32
N PRO C 114 25.57 -24.98 -14.42
CA PRO C 114 26.63 -24.21 -13.76
C PRO C 114 27.39 -23.31 -14.74
N GLU C 115 27.61 -22.06 -14.35
CA GLU C 115 28.36 -21.11 -15.18
C GLU C 115 29.64 -20.67 -14.48
N HIS C 116 30.69 -20.49 -15.26
CA HIS C 116 32.05 -20.34 -14.73
C HIS C 116 32.63 -18.93 -14.93
N PHE C 117 33.16 -18.35 -13.85
CA PHE C 117 33.75 -17.01 -13.90
C PHE C 117 35.09 -16.95 -13.17
N ARG C 118 36.10 -16.46 -13.89
CA ARG C 118 37.46 -16.33 -13.34
C ARG C 118 38.16 -15.12 -13.96
N ARG C 119 38.47 -14.12 -13.13
CA ARG C 119 39.04 -12.85 -13.60
C ARG C 119 40.03 -12.26 -12.59
N PRO C 120 40.89 -11.31 -13.04
CA PRO C 120 41.81 -10.68 -12.09
C PRO C 120 41.30 -9.35 -11.54
N PHE C 121 41.98 -8.84 -10.51
CA PHE C 121 41.69 -7.53 -9.95
C PHE C 121 42.97 -6.81 -9.51
N ASN C 122 42.96 -5.49 -9.64
CA ASN C 122 44.00 -4.63 -9.08
C ASN C 122 43.39 -3.34 -8.52
N ILE C 123 43.11 -3.35 -7.22
CA ILE C 123 42.61 -2.17 -6.49
C ILE C 123 43.42 -1.96 -5.21
N GLY C 124 43.51 -0.69 -4.78
CA GLY C 124 44.26 -0.33 -3.57
C GLY C 124 45.61 -1.00 -3.51
N LEU C 125 45.89 -1.63 -2.37
CA LEU C 125 47.14 -2.38 -2.20
C LEU C 125 47.00 -3.89 -2.49
N TYR C 126 45.98 -4.27 -3.27
CA TYR C 126 45.67 -5.68 -3.51
C TYR C 126 45.61 -6.02 -5.00
N LYS C 127 46.32 -7.07 -5.38
CA LYS C 127 46.14 -7.68 -6.71
C LYS C 127 46.08 -9.22 -6.64
N GLY C 128 45.25 -9.81 -7.50
CA GLY C 128 45.10 -11.27 -7.52
C GLY C 128 44.00 -11.73 -8.45
N THR C 129 43.35 -12.83 -8.08
CA THR C 129 42.27 -13.42 -8.89
C THR C 129 41.06 -13.89 -8.06
N ILE C 130 39.90 -13.89 -8.69
CA ILE C 130 38.66 -14.42 -8.11
C ILE C 130 38.16 -15.53 -9.01
N GLU C 131 37.92 -16.69 -8.42
CA GLU C 131 37.33 -17.81 -9.15
C GLU C 131 35.95 -18.09 -8.60
N LEU C 132 34.95 -18.08 -9.47
CA LEU C 132 33.57 -18.24 -9.05
C LEU C 132 32.86 -19.29 -9.89
N THR C 133 32.12 -20.17 -9.22
CA THR C 133 31.29 -21.16 -9.90
C THR C 133 29.87 -21.11 -9.34
N MET C 134 28.90 -20.93 -10.23
CA MET C 134 27.53 -20.63 -9.82
C MET C 134 26.44 -21.33 -10.63
N THR C 135 25.42 -21.81 -9.92
CA THR C 135 24.24 -22.42 -10.52
C THR C 135 23.01 -21.75 -9.96
N ILE C 136 22.03 -21.50 -10.82
CA ILE C 136 20.73 -21.07 -10.36
C ILE C 136 19.65 -21.63 -11.29
N TYR C 137 18.65 -22.29 -10.71
CA TYR C 137 17.56 -22.90 -11.48
C TYR C 137 16.24 -22.92 -10.71
N ASP C 138 15.14 -22.97 -11.47
CA ASP C 138 13.78 -22.94 -10.92
C ASP C 138 13.50 -24.09 -9.95
N ASP C 139 12.71 -23.78 -8.92
CA ASP C 139 12.22 -24.77 -7.98
C ASP C 139 10.69 -24.75 -8.01
N GLU C 140 10.11 -25.71 -8.72
CA GLU C 140 8.66 -25.80 -8.84
C GLU C 140 7.99 -26.34 -7.57
N SER C 141 8.75 -27.11 -6.78
CA SER C 141 8.30 -27.59 -5.47
C SER C 141 7.50 -26.53 -4.70
N LEU C 142 6.29 -26.91 -4.28
CA LEU C 142 5.37 -26.00 -3.59
C LEU C 142 5.79 -25.70 -2.14
N GLU C 143 6.74 -26.48 -1.62
CA GLU C 143 7.21 -26.34 -0.23
C GLU C 143 7.82 -24.95 0.07
N ALA C 144 7.70 -24.52 1.33
CA ALA C 144 8.20 -23.23 1.80
C ALA C 144 9.72 -23.11 1.72
N ALA C 145 10.19 -21.90 1.43
CA ALA C 145 11.61 -21.58 1.36
C ALA C 145 11.87 -20.21 1.98
N PRO C 146 12.99 -20.06 2.73
CA PRO C 146 13.30 -18.78 3.37
C PRO C 146 13.80 -17.72 2.38
N MET C 147 13.56 -16.45 2.67
CA MET C 147 14.06 -15.35 1.85
C MET C 147 15.58 -15.47 1.74
N ILE C 148 16.09 -15.22 0.54
CA ILE C 148 17.54 -15.28 0.32
C ILE C 148 18.27 -14.34 1.27
N TRP C 149 17.61 -13.25 1.65
CA TRP C 149 18.17 -12.29 2.58
C TRP C 149 18.43 -12.90 3.95
N ASP C 150 18.06 -14.17 4.10
CA ASP C 150 18.24 -14.86 5.38
C ASP C 150 19.54 -15.67 5.43
N HIS C 151 20.09 -15.97 4.26
CA HIS C 151 21.40 -16.62 4.17
C HIS C 151 22.54 -15.64 4.50
N PHE C 152 22.21 -14.35 4.53
CA PHE C 152 23.13 -13.32 5.00
C PHE C 152 22.93 -13.13 6.49
N ASN C 153 24.01 -13.30 7.27
CA ASN C 153 23.97 -13.01 8.70
C ASN C 153 23.61 -11.54 8.98
N SER C 154 24.12 -10.65 8.13
CA SER C 154 24.08 -9.19 8.36
C SER C 154 22.94 -8.43 7.67
N SER C 155 21.94 -9.15 7.14
CA SER C 155 20.79 -8.51 6.49
C SER C 155 19.75 -8.06 7.50
N LYS C 156 20.20 -7.77 8.72
CA LYS C 156 19.33 -7.37 9.82
C LYS C 156 19.52 -5.91 10.24
N PHE C 157 20.18 -5.12 9.39
CA PHE C 157 20.27 -3.66 9.56
C PHE C 157 20.36 -2.88 8.23
N SER C 158 20.18 -1.56 8.30
CA SER C 158 20.18 -0.69 7.11
C SER C 158 21.54 -0.56 6.40
N ASP C 159 22.63 -0.81 7.13
CA ASP C 159 23.98 -0.87 6.56
C ASP C 159 23.94 -1.79 5.36
N PHE C 160 23.05 -2.79 5.43
CA PHE C 160 22.88 -3.81 4.41
C PHE C 160 22.64 -3.23 3.03
N ARG C 161 21.93 -2.10 2.97
CA ARG C 161 21.64 -1.43 1.71
C ARG C 161 22.95 -0.98 1.05
N GLU C 162 23.85 -0.43 1.86
CA GLU C 162 25.16 -0.01 1.40
C GLU C 162 25.94 -1.17 0.81
N LYS C 163 26.10 -2.24 1.60
CA LYS C 163 26.86 -3.40 1.18
C LYS C 163 26.34 -3.99 -0.14
N ALA C 164 25.03 -4.13 -0.26
CA ALA C 164 24.41 -4.68 -1.45
C ALA C 164 24.77 -3.85 -2.69
N LEU C 165 24.97 -2.55 -2.47
CA LEU C 165 25.25 -1.62 -3.56
C LEU C 165 26.62 -1.82 -4.20
N MET C 166 27.59 -2.27 -3.39
CA MET C 166 28.93 -2.58 -3.89
C MET C 166 28.90 -3.65 -4.99
N PHE C 167 27.83 -4.46 -4.99
CA PHE C 167 27.68 -5.56 -5.94
C PHE C 167 26.66 -5.23 -7.02
N GLY C 168 26.27 -3.97 -7.07
CA GLY C 168 25.33 -3.49 -8.05
C GLY C 168 23.89 -3.87 -7.73
N LEU C 169 23.60 -4.10 -6.46
CA LEU C 169 22.24 -4.41 -6.02
C LEU C 169 21.59 -3.22 -5.34
N ILE C 170 20.43 -2.83 -5.88
CA ILE C 170 19.63 -1.75 -5.30
C ILE C 170 18.46 -2.38 -4.53
N VAL C 171 18.57 -2.39 -3.21
CA VAL C 171 17.57 -3.06 -2.36
C VAL C 171 16.76 -2.08 -1.51
N GLU C 172 15.50 -2.42 -1.30
CA GLU C 172 14.58 -1.65 -0.46
C GLU C 172 14.11 -2.55 0.67
N LYS C 173 13.81 -1.96 1.82
CA LYS C 173 13.05 -2.66 2.85
C LYS C 173 12.14 -1.67 3.50
N LYS C 174 10.86 -1.76 3.17
CA LYS C 174 9.86 -0.83 3.72
C LYS C 174 9.20 -1.35 5.01
N ALA C 175 8.22 -0.60 5.51
CA ALA C 175 7.58 -0.88 6.80
C ALA C 175 7.13 -2.33 7.03
N SER C 176 6.92 -3.08 5.95
CA SER C 176 6.49 -4.47 6.06
C SER C 176 7.08 -5.36 4.98
N GLY C 177 7.49 -6.56 5.36
CA GLY C 177 8.03 -7.53 4.41
C GLY C 177 9.53 -7.45 4.28
N ALA C 178 10.11 -8.44 3.60
CA ALA C 178 11.55 -8.53 3.45
C ALA C 178 12.12 -7.48 2.50
N TRP C 179 13.45 -7.45 2.39
CA TRP C 179 14.14 -6.67 1.37
C TRP C 179 13.61 -7.05 0.01
N VAL C 180 13.47 -6.06 -0.87
CA VAL C 180 13.05 -6.31 -2.23
C VAL C 180 14.11 -5.78 -3.19
N LEU C 181 14.55 -6.62 -4.12
CA LEU C 181 15.52 -6.21 -5.13
C LEU C 181 14.85 -5.32 -6.16
N ASP C 182 14.94 -4.03 -5.92
CA ASP C 182 14.25 -3.05 -6.74
C ASP C 182 14.81 -3.03 -8.15
N SER C 183 16.13 -2.85 -8.25
CA SER C 183 16.80 -2.83 -9.54
C SER C 183 18.27 -3.23 -9.41
N VAL C 184 18.98 -3.18 -10.53
CA VAL C 184 20.37 -3.56 -10.60
C VAL C 184 21.13 -2.51 -11.37
N SER C 185 22.26 -2.07 -10.83
CA SER C 185 23.18 -1.19 -11.54
C SER C 185 24.35 -2.02 -12.07
N HIS C 186 24.84 -1.67 -13.26
CA HIS C 186 25.98 -2.39 -13.83
C HIS C 186 27.29 -1.61 -13.77
N PHE C 187 27.19 -0.28 -13.89
CA PHE C 187 28.34 0.60 -13.89
C PHE C 187 28.43 1.44 -12.62
N LYS C 188 29.66 1.66 -12.16
CA LYS C 188 30.01 2.37 -10.92
C LYS C 188 30.20 1.38 -9.76
#